data_6NBT
#
_entry.id   6NBT
#
_cell.length_a   104.612
_cell.length_b   50.979
_cell.length_c   83.018
_cell.angle_alpha   90.00
_cell.angle_beta   97.05
_cell.angle_gamma   90.00
#
_symmetry.space_group_name_H-M   'C 1 2 1'
#
loop_
_entity.id
_entity.type
_entity.pdbx_description
1 polymer 'CRISPR-associated protein'
2 non-polymer 'CALCIUM ION'
3 non-polymer 'SAMARIUM (III) ION'
4 water water
#
_entity_poly.entity_id   1
_entity_poly.type   'polypeptide(L)'
_entity_poly.pdbx_seq_one_letter_code
;(MSE)HHHHHHSSGVDLGTENLYFQSNA(MSE)YSKIKISGTIEVVTGLHIGGGGESS(MSE)IGAIDSPVVRDLQTKLP
IIPGSSIKGK(MSE)RNLLAKHFGLK(MSE)KQESHNQDDERVLRLFGSSEKGNIQRARLQISDAFFSEKTKEHFAQNDI
AYTETKFENTINRLTAVANPRQIERVTRGSEFDFVFIYNVDEESQVEDDFENIEKAIHLLENDYLGGGGTRGNGRIQFKD
TNIETVVGEYDSTNLKIK
;
_entity_poly.pdbx_strand_id   A,B
#
loop_
_chem_comp.id
_chem_comp.type
_chem_comp.name
_chem_comp.formula
CA non-polymer 'CALCIUM ION' 'Ca 2'
SM non-polymer 'SAMARIUM (III) ION' 'Sm 3'
#
# COMPACT_ATOMS: atom_id res chain seq x y z
N TYR A 26 4.40 12.54 20.12
CA TYR A 26 3.78 11.29 19.59
C TYR A 26 2.26 11.49 19.37
N SER A 27 1.84 12.73 19.08
CA SER A 27 0.43 13.02 18.81
C SER A 27 0.05 12.52 17.42
N LYS A 28 -1.25 12.28 17.23
CA LYS A 28 -1.82 12.02 15.94
C LYS A 28 -2.91 13.07 15.66
N ILE A 29 -2.90 13.57 14.43
CA ILE A 29 -3.85 14.51 13.88
C ILE A 29 -4.65 13.82 12.78
N LYS A 30 -5.98 13.98 12.85
CA LYS A 30 -6.91 13.40 11.93
C LYS A 30 -7.38 14.47 10.95
N ILE A 31 -7.11 14.24 9.66
CA ILE A 31 -7.70 14.97 8.55
C ILE A 31 -8.83 14.13 7.94
N SER A 32 -10.05 14.66 7.98
CA SER A 32 -11.25 14.02 7.42
C SER A 32 -12.05 15.00 6.55
N GLY A 33 -12.82 14.44 5.63
CA GLY A 33 -13.59 15.23 4.70
C GLY A 33 -14.27 14.35 3.68
N THR A 34 -14.54 14.95 2.52
CA THR A 34 -15.25 14.35 1.45
C THR A 34 -14.44 14.47 0.15
N ILE A 35 -14.46 13.40 -0.65
CA ILE A 35 -13.99 13.47 -1.98
C ILE A 35 -15.25 13.40 -2.86
N GLU A 36 -15.42 14.40 -3.72
CA GLU A 36 -16.50 14.45 -4.64
C GLU A 36 -15.99 14.13 -6.04
N VAL A 37 -16.74 13.29 -6.77
CA VAL A 37 -16.43 13.01 -8.15
C VAL A 37 -16.98 14.12 -9.06
N VAL A 38 -16.11 14.64 -9.92
CA VAL A 38 -16.42 15.74 -10.82
C VAL A 38 -16.63 15.21 -12.23
N THR A 39 -15.80 14.26 -12.66
CA THR A 39 -16.05 13.51 -13.88
C THR A 39 -15.78 12.01 -13.61
N GLY A 40 -16.58 11.15 -14.28
CA GLY A 40 -16.57 9.70 -14.16
C GLY A 40 -15.22 9.12 -13.73
N LEU A 41 -15.25 8.31 -12.67
CA LEU A 41 -14.05 7.78 -12.02
C LEU A 41 -13.99 6.27 -12.21
N HIS A 42 -12.94 5.79 -12.92
CA HIS A 42 -12.56 4.35 -13.03
C HIS A 42 -11.24 4.06 -12.29
N ILE A 43 -11.33 3.37 -11.14
CA ILE A 43 -10.17 2.71 -10.48
C ILE A 43 -10.42 1.19 -10.53
N GLY A 44 -9.57 0.49 -11.30
CA GLY A 44 -9.67 -0.96 -11.56
C GLY A 44 -8.92 -1.78 -10.51
N ASP A 56 -16.06 -5.93 -18.38
CA ASP A 56 -14.74 -5.86 -19.02
C ASP A 56 -13.75 -5.23 -18.03
N SER A 57 -14.00 -3.95 -17.67
CA SER A 57 -13.24 -3.23 -16.63
C SER A 57 -14.20 -2.64 -15.59
N PRO A 58 -14.58 -3.39 -14.53
CA PRO A 58 -15.37 -2.83 -13.44
C PRO A 58 -14.51 -1.97 -12.51
N VAL A 59 -15.16 -1.14 -11.68
CA VAL A 59 -14.50 -0.30 -10.68
C VAL A 59 -14.37 -1.09 -9.37
N VAL A 60 -13.32 -0.77 -8.59
CA VAL A 60 -13.03 -1.48 -7.38
C VAL A 60 -14.14 -1.23 -6.35
N ARG A 61 -14.42 -2.24 -5.53
CA ARG A 61 -15.58 -2.25 -4.66
C ARG A 61 -15.18 -2.80 -3.29
N ASP A 62 -15.87 -2.31 -2.25
CA ASP A 62 -15.83 -2.82 -0.89
C ASP A 62 -16.44 -4.21 -0.91
N LEU A 63 -15.74 -5.18 -0.32
CA LEU A 63 -16.22 -6.56 -0.29
C LEU A 63 -17.49 -6.62 0.57
N GLN A 64 -17.50 -5.83 1.65
CA GLN A 64 -18.56 -5.85 2.66
C GLN A 64 -19.91 -5.41 2.08
N THR A 65 -19.92 -4.29 1.32
CA THR A 65 -21.17 -3.66 0.90
C THR A 65 -21.37 -3.73 -0.61
N LYS A 66 -20.33 -4.13 -1.35
CA LYS A 66 -20.33 -4.18 -2.85
C LYS A 66 -20.50 -2.77 -3.46
N LEU A 67 -20.19 -1.72 -2.69
CA LEU A 67 -20.28 -0.35 -3.14
C LEU A 67 -18.89 0.09 -3.62
N PRO A 68 -18.82 1.00 -4.61
CA PRO A 68 -17.53 1.56 -5.03
C PRO A 68 -16.72 2.12 -3.86
N ILE A 69 -15.40 2.06 -3.98
CA ILE A 69 -14.47 2.55 -2.97
C ILE A 69 -13.34 3.26 -3.70
N ILE A 70 -12.75 4.29 -3.09
CA ILE A 70 -11.47 4.80 -3.55
C ILE A 70 -10.40 4.28 -2.59
N PRO A 71 -9.51 3.35 -2.99
CA PRO A 71 -8.51 2.81 -2.07
C PRO A 71 -7.53 3.92 -1.64
N GLY A 72 -7.06 3.81 -0.41
CA GLY A 72 -6.03 4.66 0.12
C GLY A 72 -4.78 4.61 -0.75
N SER A 73 -4.44 3.44 -1.27
CA SER A 73 -3.23 3.28 -2.11
C SER A 73 -3.37 4.12 -3.39
N SER A 74 -4.53 4.09 -4.04
CA SER A 74 -4.82 4.96 -5.19
C SER A 74 -4.49 6.43 -4.84
N ILE A 75 -4.98 6.90 -3.69
CA ILE A 75 -4.85 8.29 -3.26
C ILE A 75 -3.39 8.58 -2.86
N LYS A 76 -2.82 7.65 -2.09
CA LYS A 76 -1.45 7.76 -1.59
C LYS A 76 -0.49 7.90 -2.77
N GLY A 77 -0.61 7.00 -3.74
CA GLY A 77 0.36 6.86 -4.81
C GLY A 77 0.30 8.03 -5.75
N LYS A 78 -0.92 8.54 -5.98
CA LYS A 78 -1.11 9.61 -6.92
C LYS A 78 -0.58 10.90 -6.31
N MSE A 79 -0.91 11.14 -5.02
CA MSE A 79 -0.40 12.30 -4.31
C MSE A 79 1.14 12.27 -4.22
O MSE A 79 1.77 13.32 -4.20
CB MSE A 79 -0.95 12.36 -2.87
CG MSE A 79 -2.36 12.90 -2.69
SE MSE A 79 -3.16 12.68 -0.85
CE MSE A 79 -2.38 14.16 0.18
N ARG A 80 1.74 11.08 -4.12
CA ARG A 80 3.17 10.97 -3.99
C ARG A 80 3.85 11.34 -5.31
N ASN A 81 3.40 10.71 -6.40
CA ASN A 81 3.94 10.96 -7.73
C ASN A 81 3.85 12.47 -8.00
N LEU A 82 2.68 13.05 -7.76
CA LEU A 82 2.43 14.42 -8.16
C LEU A 82 3.34 15.37 -7.37
N LEU A 83 3.50 15.11 -6.07
CA LEU A 83 4.28 16.03 -5.23
C LEU A 83 5.77 15.85 -5.51
N ALA A 84 6.18 14.63 -5.85
CA ALA A 84 7.54 14.34 -6.27
C ALA A 84 7.84 15.15 -7.55
N LYS A 85 6.98 15.04 -8.55
CA LYS A 85 7.17 15.76 -9.83
C LYS A 85 7.21 17.27 -9.59
N HIS A 86 6.42 17.74 -8.63
CA HIS A 86 6.34 19.15 -8.31
C HIS A 86 7.69 19.67 -7.81
N PHE A 87 8.26 18.94 -6.84
CA PHE A 87 9.49 19.33 -6.20
C PHE A 87 10.67 19.13 -7.14
N GLY A 88 10.61 18.11 -8.01
CA GLY A 88 11.65 17.79 -8.99
C GLY A 88 11.81 18.86 -10.07
N LEU A 89 11.00 19.92 -10.00
CA LEU A 89 11.21 21.12 -10.83
C LEU A 89 12.03 22.14 -10.00
N GLN A 98 17.89 9.39 -5.96
CA GLN A 98 17.56 10.79 -5.80
C GLN A 98 16.10 10.95 -5.39
N ASP A 99 15.84 11.03 -4.08
CA ASP A 99 14.49 11.29 -3.55
C ASP A 99 14.51 12.57 -2.72
N ASP A 100 13.30 13.07 -2.40
CA ASP A 100 13.10 14.28 -1.59
C ASP A 100 12.55 13.89 -0.21
N GLU A 101 13.22 14.37 0.84
CA GLU A 101 12.91 14.11 2.25
C GLU A 101 11.43 14.45 2.54
N ARG A 102 10.95 15.51 1.89
CA ARG A 102 9.65 16.08 2.18
C ARG A 102 8.54 15.16 1.70
N VAL A 103 8.79 14.44 0.61
CA VAL A 103 7.82 13.51 0.04
C VAL A 103 7.93 12.23 0.87
N LEU A 104 9.17 11.77 1.05
CA LEU A 104 9.50 10.58 1.79
C LEU A 104 8.81 10.56 3.16
N ARG A 105 8.98 11.64 3.91
CA ARG A 105 8.59 11.67 5.30
C ARG A 105 7.05 11.59 5.44
N LEU A 106 6.27 12.13 4.47
CA LEU A 106 4.79 12.06 4.50
C LEU A 106 4.30 10.68 4.06
N PHE A 107 4.77 10.22 2.89
CA PHE A 107 4.25 9.04 2.22
C PHE A 107 5.07 7.76 2.38
N GLY A 108 6.33 7.85 2.82
CA GLY A 108 7.18 6.68 2.85
C GLY A 108 7.54 6.23 1.44
N SER A 109 8.06 5.00 1.32
CA SER A 109 8.41 4.41 0.02
C SER A 109 8.55 2.89 0.17
N SER A 110 8.26 2.14 -0.90
CA SER A 110 8.47 0.69 -0.90
C SER A 110 9.80 0.35 -1.59
N GLU A 111 10.56 1.39 -1.97
CA GLU A 111 11.68 1.28 -2.88
C GLU A 111 12.96 0.96 -2.12
N LYS A 112 13.98 0.55 -2.88
CA LYS A 112 15.28 0.08 -2.40
C LYS A 112 15.98 1.22 -1.65
N GLY A 113 16.47 0.89 -0.43
CA GLY A 113 17.30 1.77 0.37
C GLY A 113 16.51 2.42 1.50
N ASN A 114 15.24 2.76 1.22
CA ASN A 114 14.44 3.58 2.10
C ASN A 114 14.16 2.90 3.45
N ILE A 115 14.31 3.68 4.53
CA ILE A 115 13.99 3.27 5.90
C ILE A 115 12.88 4.17 6.48
N GLN A 116 12.68 5.35 5.88
CA GLN A 116 11.81 6.43 6.39
C GLN A 116 10.35 5.97 6.40
N ARG A 117 9.73 6.13 7.57
CA ARG A 117 8.37 5.70 7.86
C ARG A 117 7.39 6.81 7.46
N ALA A 118 6.22 6.44 6.92
CA ALA A 118 5.25 7.44 6.52
C ALA A 118 4.60 8.07 7.77
N ARG A 119 4.55 9.39 7.78
CA ARG A 119 3.82 10.14 8.81
C ARG A 119 2.33 10.14 8.50
N LEU A 120 1.99 9.89 7.23
CA LEU A 120 0.65 10.05 6.73
C LEU A 120 0.07 8.69 6.37
N GLN A 121 -0.92 8.24 7.16
CA GLN A 121 -1.70 7.05 6.92
C GLN A 121 -2.98 7.43 6.16
N ILE A 122 -3.24 6.75 5.05
CA ILE A 122 -4.35 7.07 4.19
C ILE A 122 -5.32 5.88 4.11
N SER A 123 -6.54 6.11 4.62
CA SER A 123 -7.61 5.15 4.56
C SER A 123 -8.13 5.02 3.13
N ASP A 124 -8.81 3.89 2.90
CA ASP A 124 -9.78 3.78 1.82
C ASP A 124 -10.85 4.87 2.05
N ALA A 125 -11.39 5.43 0.97
CA ALA A 125 -12.43 6.40 1.02
C ALA A 125 -13.75 5.72 0.59
N PHE A 126 -14.79 5.86 1.43
CA PHE A 126 -15.98 5.01 1.38
C PHE A 126 -17.19 5.82 0.90
N PHE A 127 -18.07 5.15 0.16
CA PHE A 127 -19.31 5.70 -0.36
C PHE A 127 -20.11 6.28 0.81
N SER A 128 -20.31 7.59 0.80
CA SER A 128 -20.90 8.28 1.95
C SER A 128 -22.37 7.89 2.07
N GLU A 129 -22.86 7.95 3.31
CA GLU A 129 -24.22 7.61 3.66
C GLU A 129 -25.14 8.66 3.06
N LYS A 130 -24.68 9.92 3.05
CA LYS A 130 -25.41 11.03 2.47
C LYS A 130 -25.65 10.79 0.98
N THR A 131 -24.65 10.21 0.31
CA THR A 131 -24.73 9.92 -1.11
C THR A 131 -25.77 8.82 -1.32
N LYS A 132 -25.65 7.70 -0.58
CA LYS A 132 -26.56 6.55 -0.67
C LYS A 132 -28.01 7.03 -0.56
N GLU A 133 -28.32 7.81 0.47
CA GLU A 133 -29.69 8.24 0.74
C GLU A 133 -30.21 9.07 -0.44
N HIS A 134 -29.44 10.09 -0.83
CA HIS A 134 -29.87 11.05 -1.87
C HIS A 134 -30.09 10.34 -3.21
N PHE A 135 -29.09 9.57 -3.63
CA PHE A 135 -29.17 8.88 -4.93
C PHE A 135 -30.35 7.89 -4.92
N ALA A 136 -30.55 7.19 -3.80
CA ALA A 136 -31.67 6.24 -3.66
C ALA A 136 -33.02 6.95 -3.84
N GLN A 137 -33.23 8.09 -3.17
CA GLN A 137 -34.52 8.76 -3.10
C GLN A 137 -34.88 9.40 -4.45
N ASN A 138 -33.89 9.67 -5.30
CA ASN A 138 -34.11 10.45 -6.51
C ASN A 138 -33.74 9.65 -7.77
N ASP A 139 -33.66 8.33 -7.63
CA ASP A 139 -33.40 7.40 -8.72
C ASP A 139 -32.24 7.93 -9.58
N ILE A 140 -31.09 8.19 -8.92
CA ILE A 140 -29.84 8.66 -9.53
C ILE A 140 -28.86 7.48 -9.57
N ALA A 141 -28.07 7.39 -10.65
CA ALA A 141 -27.20 6.28 -10.82
C ALA A 141 -25.82 6.62 -10.24
N TYR A 142 -25.24 5.67 -9.49
CA TYR A 142 -23.92 5.89 -8.90
C TYR A 142 -22.79 5.28 -9.74
N THR A 143 -23.12 4.39 -10.69
CA THR A 143 -22.16 4.02 -11.72
C THR A 143 -22.85 3.91 -13.08
N GLU A 144 -22.05 4.03 -14.14
CA GLU A 144 -22.50 3.91 -15.49
C GLU A 144 -21.41 3.27 -16.34
N THR A 145 -21.82 2.55 -17.38
CA THR A 145 -20.88 1.90 -18.28
C THR A 145 -20.97 2.55 -19.68
N LYS A 146 -19.79 2.90 -20.21
CA LYS A 146 -19.64 3.51 -21.55
C LYS A 146 -18.66 2.71 -22.41
N PHE A 147 -18.61 3.03 -23.71
CA PHE A 147 -17.57 2.49 -24.58
C PHE A 147 -16.34 3.42 -24.52
N GLU A 148 -15.14 2.87 -24.71
CA GLU A 148 -13.87 3.63 -24.62
C GLU A 148 -13.85 4.80 -25.61
N ARG A 161 -13.74 -1.51 -25.89
CA ARG A 161 -13.65 -1.85 -24.47
C ARG A 161 -14.79 -1.17 -23.69
N GLN A 162 -15.26 -1.85 -22.63
CA GLN A 162 -16.42 -1.45 -21.84
C GLN A 162 -15.94 -1.02 -20.45
N ILE A 163 -16.23 0.25 -20.08
CA ILE A 163 -15.62 0.89 -18.91
C ILE A 163 -16.74 1.38 -17.99
N GLU A 164 -16.78 0.81 -16.77
CA GLU A 164 -17.63 1.25 -15.67
C GLU A 164 -17.00 2.50 -15.03
N ARG A 165 -17.82 3.50 -14.66
CA ARG A 165 -17.31 4.65 -13.89
C ARG A 165 -18.25 5.07 -12.75
N VAL A 166 -17.66 5.61 -11.69
CA VAL A 166 -18.41 6.24 -10.61
C VAL A 166 -18.94 7.60 -11.09
N THR A 167 -20.23 7.87 -10.90
CA THR A 167 -20.83 9.04 -11.55
C THR A 167 -20.45 10.32 -10.81
N ARG A 168 -20.45 11.40 -11.58
CA ARG A 168 -20.32 12.77 -11.11
C ARG A 168 -21.33 12.96 -9.97
N GLY A 169 -20.88 13.53 -8.87
CA GLY A 169 -21.77 13.86 -7.76
C GLY A 169 -21.72 12.84 -6.63
N SER A 170 -21.21 11.65 -6.91
CA SER A 170 -20.95 10.67 -5.86
C SER A 170 -19.86 11.23 -4.94
N GLU A 171 -20.05 11.05 -3.62
CA GLU A 171 -19.15 11.55 -2.61
C GLU A 171 -18.68 10.41 -1.71
N PHE A 172 -17.40 10.46 -1.33
CA PHE A 172 -16.78 9.51 -0.48
C PHE A 172 -16.20 10.25 0.72
N ASP A 173 -16.36 9.63 1.90
CA ASP A 173 -15.77 10.06 3.15
C ASP A 173 -14.30 9.64 3.18
N PHE A 174 -13.39 10.58 3.44
CA PHE A 174 -11.98 10.21 3.54
C PHE A 174 -11.41 10.62 4.89
N VAL A 175 -10.29 9.96 5.20
CA VAL A 175 -9.60 10.02 6.46
C VAL A 175 -8.11 9.77 6.23
N PHE A 176 -7.31 10.79 6.58
CA PHE A 176 -5.90 10.68 6.75
C PHE A 176 -5.61 10.83 8.23
N ILE A 177 -4.64 10.04 8.71
CA ILE A 177 -4.07 10.22 10.02
C ILE A 177 -2.62 10.66 9.87
N TYR A 178 -2.26 11.76 10.55
CA TYR A 178 -0.91 12.30 10.53
C TYR A 178 -0.25 12.04 11.89
N ASN A 179 0.92 11.40 11.86
CA ASN A 179 1.72 11.17 13.06
C ASN A 179 2.72 12.32 13.28
N VAL A 180 2.67 12.96 14.44
CA VAL A 180 3.65 13.99 14.79
C VAL A 180 4.95 13.31 15.27
N ASP A 181 5.81 12.91 14.32
CA ASP A 181 7.10 12.26 14.58
C ASP A 181 8.15 13.33 14.91
N GLU A 182 7.92 14.57 14.45
CA GLU A 182 8.86 15.67 14.60
C GLU A 182 8.09 16.99 14.63
N GLU A 183 7.93 17.57 15.83
CA GLU A 183 7.02 18.68 16.10
C GLU A 183 7.34 19.89 15.22
N SER A 184 8.61 20.09 14.88
CA SER A 184 9.04 21.34 14.22
C SER A 184 8.59 21.37 12.75
N GLN A 185 8.12 20.24 12.22
CA GLN A 185 7.93 20.05 10.79
C GLN A 185 6.42 19.96 10.44
N VAL A 186 5.54 20.13 11.41
CA VAL A 186 4.10 19.87 11.23
C VAL A 186 3.56 20.89 10.21
N GLU A 187 3.78 22.17 10.48
CA GLU A 187 3.40 23.27 9.59
C GLU A 187 3.81 22.95 8.15
N ASP A 188 5.09 22.66 7.92
CA ASP A 188 5.60 22.40 6.55
C ASP A 188 4.95 21.16 5.95
N ASP A 189 4.84 20.10 6.74
CA ASP A 189 4.16 18.87 6.28
C ASP A 189 2.72 19.21 5.89
N PHE A 190 2.07 20.13 6.62
CA PHE A 190 0.67 20.39 6.35
C PHE A 190 0.53 21.25 5.09
N GLU A 191 1.48 22.16 4.85
CA GLU A 191 1.53 22.90 3.59
C GLU A 191 1.71 21.91 2.44
N ASN A 192 2.58 20.91 2.63
CA ASN A 192 2.91 19.97 1.58
C ASN A 192 1.74 19.04 1.29
N ILE A 193 0.95 18.70 2.32
CA ILE A 193 -0.24 17.86 2.16
C ILE A 193 -1.23 18.63 1.29
N GLU A 194 -1.40 19.90 1.65
CA GLU A 194 -2.29 20.81 0.95
C GLU A 194 -1.86 20.90 -0.53
N LYS A 195 -0.57 21.04 -0.75
CA LYS A 195 -0.06 21.15 -2.09
C LYS A 195 -0.37 19.85 -2.85
N ALA A 196 -0.06 18.72 -2.23
CA ALA A 196 -0.40 17.42 -2.83
C ALA A 196 -1.88 17.38 -3.23
N ILE A 197 -2.77 17.88 -2.35
CA ILE A 197 -4.23 17.82 -2.61
C ILE A 197 -4.49 18.60 -3.90
N HIS A 198 -4.10 19.88 -3.88
CA HIS A 198 -4.31 20.82 -4.97
C HIS A 198 -3.80 20.25 -6.28
N LEU A 199 -2.62 19.60 -6.25
CA LEU A 199 -2.08 18.99 -7.44
C LEU A 199 -3.00 17.86 -7.92
N LEU A 200 -3.57 17.08 -6.99
CA LEU A 200 -4.46 15.98 -7.38
C LEU A 200 -5.75 16.53 -8.00
N GLU A 201 -6.18 17.70 -7.54
CA GLU A 201 -7.40 18.29 -7.99
C GLU A 201 -7.24 18.91 -9.36
N ASN A 202 -6.02 19.33 -9.71
CA ASN A 202 -5.72 19.91 -11.02
C ASN A 202 -5.20 18.81 -11.96
N ASP A 203 -5.28 17.56 -11.49
CA ASP A 203 -4.95 16.38 -12.27
C ASP A 203 -6.17 15.45 -12.21
N TYR A 204 -5.95 14.17 -11.88
CA TYR A 204 -6.95 13.13 -12.05
C TYR A 204 -6.56 11.86 -11.29
N LEU A 205 -7.56 11.03 -11.02
CA LEU A 205 -7.39 9.77 -10.33
C LEU A 205 -7.82 8.61 -11.26
N GLY A 206 -7.15 7.48 -11.15
CA GLY A 206 -7.41 6.30 -11.96
C GLY A 206 -7.18 6.54 -13.44
N GLY A 207 -8.00 5.86 -14.27
CA GLY A 207 -7.89 5.87 -15.74
C GLY A 207 -8.66 7.01 -16.41
N GLY A 208 -8.37 7.19 -17.71
CA GLY A 208 -9.08 8.10 -18.60
C GLY A 208 -8.79 9.57 -18.32
N GLY A 209 -7.65 9.83 -17.68
CA GLY A 209 -7.31 11.17 -17.23
C GLY A 209 -7.25 12.17 -18.37
N THR A 210 -6.56 11.77 -19.45
CA THR A 210 -6.20 12.63 -20.56
C THR A 210 -7.45 13.00 -21.38
N ARG A 211 -8.47 12.14 -21.37
CA ARG A 211 -9.77 12.43 -22.02
C ARG A 211 -10.73 13.09 -21.01
N GLY A 212 -10.21 13.51 -19.84
CA GLY A 212 -10.90 14.42 -18.92
C GLY A 212 -11.59 13.70 -17.76
N ASN A 213 -11.43 12.36 -17.69
CA ASN A 213 -12.12 11.53 -16.69
C ASN A 213 -11.30 11.48 -15.40
N GLY A 214 -11.98 11.12 -14.30
CA GLY A 214 -11.35 10.92 -13.02
C GLY A 214 -11.04 12.21 -12.26
N ARG A 215 -11.74 13.31 -12.58
CA ARG A 215 -11.56 14.57 -11.81
C ARG A 215 -12.34 14.45 -10.50
N ILE A 216 -11.67 14.73 -9.39
CA ILE A 216 -12.21 14.65 -8.05
C ILE A 216 -11.95 15.98 -7.35
N GLN A 217 -12.71 16.25 -6.28
CA GLN A 217 -12.49 17.43 -5.42
C GLN A 217 -12.51 17.01 -3.94
N PHE A 218 -11.63 17.66 -3.17
CA PHE A 218 -11.61 17.52 -1.74
C PHE A 218 -12.38 18.67 -1.12
N LYS A 219 -13.15 18.42 -0.05
CA LYS A 219 -13.88 19.50 0.58
C LYS A 219 -14.39 19.03 1.94
N ASP A 220 -14.59 20.04 2.81
CA ASP A 220 -15.14 19.92 4.16
C ASP A 220 -14.10 19.29 5.07
N THR A 221 -12.84 19.71 4.90
CA THR A 221 -11.73 19.05 5.51
C THR A 221 -11.63 19.58 6.94
N ASN A 222 -11.64 18.65 7.89
CA ASN A 222 -11.59 18.93 9.30
C ASN A 222 -10.28 18.36 9.83
N ILE A 223 -9.60 19.15 10.67
CA ILE A 223 -8.36 18.77 11.29
C ILE A 223 -8.58 18.72 12.80
N GLU A 224 -8.05 17.67 13.45
CA GLU A 224 -8.34 17.43 14.86
C GLU A 224 -7.24 16.53 15.45
N THR A 225 -6.74 16.90 16.63
CA THR A 225 -5.81 16.04 17.35
C THR A 225 -6.62 14.96 18.06
N VAL A 226 -6.51 13.71 17.57
CA VAL A 226 -7.25 12.57 18.14
C VAL A 226 -6.39 11.79 19.16
N VAL A 227 -5.05 11.87 19.07
CA VAL A 227 -4.18 11.37 20.12
C VAL A 227 -3.17 12.47 20.48
N GLY A 228 -2.97 12.68 21.79
CA GLY A 228 -2.03 13.65 22.33
C GLY A 228 -2.64 15.03 22.45
N GLU A 229 -1.82 16.00 22.86
CA GLU A 229 -2.28 17.38 23.14
C GLU A 229 -1.66 18.39 22.17
N TYR A 230 -1.04 17.92 21.09
CA TYR A 230 -0.56 18.82 20.05
C TYR A 230 -1.69 19.75 19.61
N ASP A 231 -1.38 21.06 19.56
CA ASP A 231 -2.34 22.08 19.26
C ASP A 231 -2.37 22.22 17.74
N SER A 232 -3.46 21.70 17.14
CA SER A 232 -3.64 21.65 15.71
C SER A 232 -4.68 22.69 15.24
N THR A 233 -5.13 23.60 16.11
CA THR A 233 -6.23 24.52 15.76
C THR A 233 -5.78 25.52 14.67
N ASN A 234 -4.47 25.82 14.56
CA ASN A 234 -4.01 26.77 13.52
C ASN A 234 -3.97 26.11 12.13
N LEU A 235 -4.03 24.78 12.06
CA LEU A 235 -3.88 24.07 10.80
C LEU A 235 -5.16 24.12 9.96
N LYS A 236 -4.96 24.31 8.66
CA LYS A 236 -6.00 24.48 7.68
C LYS A 236 -5.48 23.92 6.37
N ILE A 237 -6.29 23.08 5.74
CA ILE A 237 -6.09 22.68 4.36
C ILE A 237 -7.13 23.43 3.51
N LYS A 238 -6.64 24.08 2.44
CA LYS A 238 -7.39 24.83 1.42
C LYS A 238 -6.67 26.18 1.21
N ALA B 24 16.00 2.63 22.27
CA ALA B 24 15.06 1.47 22.21
C ALA B 24 13.67 1.94 21.77
N MSE B 25 13.05 2.84 22.56
CA MSE B 25 11.66 3.27 22.36
C MSE B 25 11.35 3.73 20.94
O MSE B 25 10.17 3.79 20.56
CB MSE B 25 11.26 4.31 23.45
CG MSE B 25 10.08 5.29 23.22
SE MSE B 25 8.27 4.65 23.76
CE MSE B 25 7.24 6.31 24.05
N TYR B 26 12.38 4.04 20.15
CA TYR B 26 12.21 4.46 18.76
C TYR B 26 13.21 3.75 17.83
N SER B 27 13.66 2.55 18.21
CA SER B 27 14.58 1.76 17.40
C SER B 27 13.85 1.18 16.19
N LYS B 28 14.63 0.89 15.14
CA LYS B 28 14.19 0.22 13.95
C LYS B 28 15.09 -0.99 13.75
N ILE B 29 14.44 -2.13 13.44
CA ILE B 29 15.05 -3.39 13.19
C ILE B 29 14.78 -3.77 11.74
N LYS B 30 15.83 -4.17 11.02
CA LYS B 30 15.76 -4.56 9.63
C LYS B 30 15.78 -6.08 9.51
N ILE B 31 14.71 -6.63 8.94
CA ILE B 31 14.68 -8.00 8.43
C ILE B 31 14.92 -7.99 6.92
N SER B 32 15.98 -8.66 6.49
CA SER B 32 16.37 -8.80 5.08
C SER B 32 16.63 -10.28 4.72
N GLY B 33 16.53 -10.56 3.44
CA GLY B 33 16.69 -11.92 2.97
C GLY B 33 16.29 -12.06 1.52
N THR B 34 15.89 -13.27 1.17
CA THR B 34 15.59 -13.65 -0.18
C THR B 34 14.23 -14.33 -0.19
N ILE B 35 13.44 -14.02 -1.22
CA ILE B 35 12.29 -14.81 -1.52
C ILE B 35 12.64 -15.57 -2.79
N GLU B 36 12.50 -16.89 -2.76
CA GLU B 36 12.71 -17.71 -3.91
C GLU B 36 11.37 -18.25 -4.40
N VAL B 37 11.21 -18.25 -5.72
CA VAL B 37 10.05 -18.84 -6.38
C VAL B 37 10.22 -20.36 -6.49
N VAL B 38 9.19 -21.06 -6.02
CA VAL B 38 9.15 -22.51 -5.96
C VAL B 38 8.30 -23.06 -7.11
N THR B 39 7.17 -22.40 -7.38
CA THR B 39 6.38 -22.66 -8.58
C THR B 39 5.96 -21.31 -9.18
N GLY B 40 5.92 -21.26 -10.51
CA GLY B 40 5.55 -20.08 -11.35
C GLY B 40 4.70 -19.06 -10.61
N LEU B 41 5.16 -17.80 -10.60
CA LEU B 41 4.54 -16.71 -9.89
C LEU B 41 3.94 -15.70 -10.88
N HIS B 42 2.60 -15.54 -10.86
CA HIS B 42 1.83 -14.42 -11.48
C HIS B 42 1.26 -13.46 -10.41
N ILE B 43 1.88 -12.28 -10.29
CA ILE B 43 1.26 -11.09 -9.70
C ILE B 43 1.05 -10.05 -10.83
N GLY B 44 -0.22 -9.80 -11.19
CA GLY B 44 -0.61 -8.88 -12.27
C GLY B 44 -0.36 -7.41 -11.94
N GLY B 45 -0.34 -6.58 -13.00
CA GLY B 45 -0.11 -5.15 -12.89
C GLY B 45 -0.78 -4.38 -14.01
N ILE B 55 -0.28 -11.00 -24.86
CA ILE B 55 -0.02 -10.38 -23.56
C ILE B 55 -1.36 -10.11 -22.84
N ASP B 56 -2.08 -11.19 -22.51
CA ASP B 56 -3.37 -11.12 -21.78
C ASP B 56 -3.09 -10.64 -20.35
N SER B 57 -2.30 -11.41 -19.60
CA SER B 57 -1.96 -11.13 -18.20
C SER B 57 -0.45 -11.17 -17.99
N PRO B 58 0.27 -10.03 -18.17
CA PRO B 58 1.69 -9.98 -17.82
C PRO B 58 1.89 -9.84 -16.30
N VAL B 59 3.11 -10.10 -15.83
CA VAL B 59 3.47 -9.97 -14.43
C VAL B 59 3.96 -8.53 -14.18
N VAL B 60 3.77 -8.04 -12.95
CA VAL B 60 4.11 -6.69 -12.58
C VAL B 60 5.63 -6.52 -12.67
N ARG B 61 6.06 -5.32 -13.08
CA ARG B 61 7.46 -5.02 -13.35
C ARG B 61 7.85 -3.68 -12.74
N ASP B 62 9.13 -3.58 -12.35
CA ASP B 62 9.79 -2.36 -11.94
C ASP B 62 9.86 -1.45 -13.16
N LEU B 63 9.43 -0.20 -13.01
CA LEU B 63 9.42 0.73 -14.14
C LEU B 63 10.87 1.04 -14.54
N GLN B 64 11.76 1.11 -13.55
CA GLN B 64 13.14 1.53 -13.72
C GLN B 64 13.93 0.51 -14.57
N THR B 65 13.78 -0.79 -14.29
CA THR B 65 14.63 -1.81 -14.92
C THR B 65 13.83 -2.73 -15.86
N LYS B 66 12.49 -2.66 -15.79
CA LYS B 66 11.56 -3.54 -16.55
C LYS B 66 11.71 -5.01 -16.15
N LEU B 67 12.24 -5.27 -14.95
CA LEU B 67 12.39 -6.61 -14.42
C LEU B 67 11.18 -6.92 -13.54
N PRO B 68 10.75 -8.19 -13.47
CA PRO B 68 9.71 -8.60 -12.52
C PRO B 68 10.02 -8.18 -11.08
N ILE B 69 8.97 -7.90 -10.32
CA ILE B 69 9.07 -7.41 -8.92
C ILE B 69 7.98 -8.13 -8.12
N ILE B 70 8.20 -8.35 -6.83
CA ILE B 70 7.12 -8.70 -5.93
C ILE B 70 6.78 -7.47 -5.10
N PRO B 71 5.62 -6.82 -5.29
CA PRO B 71 5.32 -5.60 -4.55
C PRO B 71 5.17 -5.88 -3.05
N GLY B 72 5.57 -4.90 -2.23
CA GLY B 72 5.37 -4.92 -0.81
C GLY B 72 3.93 -5.17 -0.44
N SER B 73 3.03 -4.49 -1.16
CA SER B 73 1.58 -4.60 -0.91
C SER B 73 1.10 -6.05 -1.11
N SER B 74 1.53 -6.72 -2.19
CA SER B 74 1.23 -8.15 -2.41
C SER B 74 1.61 -8.98 -1.15
N ILE B 75 2.82 -8.76 -0.62
CA ILE B 75 3.36 -9.52 0.50
C ILE B 75 2.63 -9.13 1.79
N LYS B 76 2.44 -7.82 1.97
CA LYS B 76 1.79 -7.26 3.16
C LYS B 76 0.38 -7.83 3.30
N GLY B 77 -0.37 -7.79 2.20
CA GLY B 77 -1.77 -8.15 2.19
C GLY B 77 -2.00 -9.62 2.44
N LYS B 78 -1.11 -10.44 1.86
CA LYS B 78 -1.24 -11.86 1.97
C LYS B 78 -0.87 -12.31 3.38
N MSE B 79 0.21 -11.75 3.92
CA MSE B 79 0.60 -12.01 5.31
C MSE B 79 -0.48 -11.57 6.31
O MSE B 79 -0.63 -12.19 7.35
CB MSE B 79 1.92 -11.31 5.69
CG MSE B 79 3.19 -12.03 5.19
SE MSE B 79 4.88 -10.99 5.41
CE MSE B 79 5.36 -11.27 7.29
N ARG B 80 -1.19 -10.48 5.99
CA ARG B 80 -2.23 -9.98 6.88
C ARG B 80 -3.41 -10.94 6.89
N ASN B 81 -3.93 -11.25 5.70
CA ASN B 81 -5.06 -12.16 5.55
C ASN B 81 -4.73 -13.47 6.28
N LEU B 82 -3.55 -14.03 6.02
CA LEU B 82 -3.23 -15.36 6.49
C LEU B 82 -3.16 -15.36 8.02
N LEU B 83 -2.54 -14.33 8.59
CA LEU B 83 -2.35 -14.31 10.04
C LEU B 83 -3.67 -13.99 10.75
N ALA B 84 -4.51 -13.17 10.10
CA ALA B 84 -5.84 -12.88 10.60
C ALA B 84 -6.66 -14.19 10.63
N LYS B 85 -6.67 -14.94 9.53
CA LYS B 85 -7.44 -16.19 9.44
C LYS B 85 -6.92 -17.18 10.48
N HIS B 86 -5.61 -17.15 10.75
CA HIS B 86 -4.99 -18.05 11.71
C HIS B 86 -5.54 -17.77 13.11
N PHE B 87 -5.56 -16.50 13.51
CA PHE B 87 -5.97 -16.09 14.83
C PHE B 87 -7.49 -16.23 14.98
N GLY B 88 -8.24 -16.02 13.90
CA GLY B 88 -9.71 -16.15 13.87
C GLY B 88 -10.20 -17.59 14.03
N LEU B 89 -9.26 -18.53 14.29
CA LEU B 89 -9.58 -19.89 14.72
C LEU B 89 -9.59 -19.96 16.25
N ASP B 99 -11.38 -6.74 14.49
CA ASP B 99 -10.01 -7.08 14.14
C ASP B 99 -9.26 -7.60 15.36
N ASP B 100 -8.04 -8.11 15.14
CA ASP B 100 -7.11 -8.53 16.19
C ASP B 100 -5.94 -7.52 16.29
N GLU B 101 -5.67 -7.07 17.51
CA GLU B 101 -4.64 -6.08 17.86
C GLU B 101 -3.27 -6.52 17.31
N ARG B 102 -3.01 -7.83 17.33
CA ARG B 102 -1.71 -8.38 17.01
C ARG B 102 -1.44 -8.25 15.51
N VAL B 103 -2.49 -8.32 14.70
CA VAL B 103 -2.39 -8.20 13.27
C VAL B 103 -2.31 -6.71 12.94
N LEU B 104 -3.23 -5.96 13.55
CA LEU B 104 -3.35 -4.52 13.41
C LEU B 104 -1.99 -3.84 13.65
N ARG B 105 -1.34 -4.20 14.75
CA ARG B 105 -0.19 -3.43 15.22
C ARG B 105 1.02 -3.65 14.27
N LEU B 106 1.13 -4.83 13.63
CA LEU B 106 2.22 -5.13 12.67
C LEU B 106 1.94 -4.47 11.32
N PHE B 107 0.78 -4.81 10.77
CA PHE B 107 0.27 -4.31 9.53
C PHE B 107 -0.76 -3.28 9.98
N GLY B 108 -0.92 -2.17 9.27
CA GLY B 108 -1.99 -1.26 9.67
C GLY B 108 -3.32 -1.79 9.18
N SER B 109 -4.19 -0.84 8.81
CA SER B 109 -5.41 -1.12 8.08
C SER B 109 -5.82 0.15 7.32
N SER B 110 -6.47 -0.04 6.17
CA SER B 110 -7.00 1.08 5.40
C SER B 110 -8.51 1.23 5.68
N GLU B 111 -9.02 0.42 6.61
CA GLU B 111 -10.45 0.27 6.84
C GLU B 111 -10.92 1.37 7.79
N LYS B 112 -12.25 1.53 7.81
CA LYS B 112 -12.96 2.57 8.55
C LYS B 112 -12.74 2.36 10.05
N GLY B 113 -12.37 3.46 10.74
CA GLY B 113 -12.24 3.49 12.19
C GLY B 113 -10.80 3.41 12.66
N ASN B 114 -9.97 2.66 11.93
CA ASN B 114 -8.63 2.33 12.37
C ASN B 114 -7.73 3.58 12.46
N ILE B 115 -6.97 3.65 13.56
CA ILE B 115 -5.98 4.69 13.86
C ILE B 115 -4.57 4.06 13.97
N GLN B 116 -4.50 2.75 14.22
CA GLN B 116 -3.27 2.05 14.59
C GLN B 116 -2.30 2.02 13.39
N ARG B 117 -1.08 2.49 13.65
CA ARG B 117 -0.03 2.63 12.69
C ARG B 117 0.77 1.33 12.56
N ALA B 118 1.20 0.97 11.35
CA ALA B 118 1.91 -0.28 11.14
C ALA B 118 3.32 -0.15 11.72
N ARG B 119 3.72 -1.14 12.52
CA ARG B 119 5.08 -1.30 13.00
C ARG B 119 6.00 -1.83 11.89
N LEU B 120 5.40 -2.54 10.94
CA LEU B 120 6.12 -3.29 9.93
C LEU B 120 5.95 -2.65 8.57
N GLN B 121 7.03 -2.06 8.05
CA GLN B 121 7.12 -1.54 6.70
C GLN B 121 7.68 -2.62 5.76
N ILE B 122 6.98 -2.85 4.65
CA ILE B 122 7.37 -3.88 3.69
C ILE B 122 7.70 -3.26 2.34
N SER B 123 8.96 -3.42 1.95
CA SER B 123 9.45 -3.01 0.66
C SER B 123 8.89 -3.91 -0.44
N ASP B 124 8.92 -3.39 -1.67
CA ASP B 124 8.95 -4.20 -2.87
C ASP B 124 10.16 -5.16 -2.76
N ALA B 125 10.01 -6.36 -3.32
CA ALA B 125 11.10 -7.31 -3.40
C ALA B 125 11.62 -7.35 -4.83
N PHE B 126 12.94 -7.20 -4.99
CA PHE B 126 13.56 -6.87 -6.27
C PHE B 126 14.37 -8.05 -6.81
N PHE B 127 14.39 -8.18 -8.14
CA PHE B 127 15.10 -9.23 -8.83
C PHE B 127 16.58 -9.17 -8.43
N SER B 128 17.07 -10.21 -7.74
CA SER B 128 18.38 -10.18 -7.15
C SER B 128 19.45 -10.17 -8.23
N GLU B 129 20.60 -9.58 -7.89
CA GLU B 129 21.75 -9.48 -8.75
C GLU B 129 22.33 -10.87 -8.97
N LYS B 130 22.29 -11.70 -7.92
CA LYS B 130 22.75 -13.08 -7.99
C LYS B 130 21.94 -13.87 -9.02
N THR B 131 20.63 -13.59 -9.09
CA THR B 131 19.73 -14.23 -10.02
C THR B 131 20.08 -13.80 -11.43
N LYS B 132 20.17 -12.47 -11.66
CA LYS B 132 20.49 -11.89 -12.97
C LYS B 132 21.75 -12.54 -13.54
N GLU B 133 22.82 -12.61 -12.75
CA GLU B 133 24.10 -13.13 -13.22
C GLU B 133 23.94 -14.61 -13.62
N HIS B 134 23.37 -15.41 -12.73
CA HIS B 134 23.27 -16.86 -12.92
C HIS B 134 22.43 -17.20 -14.14
N PHE B 135 21.25 -16.59 -14.20
CA PHE B 135 20.32 -16.85 -15.29
C PHE B 135 20.94 -16.40 -16.63
N ALA B 136 21.62 -15.24 -16.62
CA ALA B 136 22.28 -14.73 -17.83
C ALA B 136 23.34 -15.71 -18.34
N GLN B 137 24.20 -16.22 -17.44
CA GLN B 137 25.36 -17.01 -17.83
C GLN B 137 24.96 -18.40 -18.33
N ASN B 138 23.77 -18.88 -17.95
CA ASN B 138 23.40 -20.26 -18.21
C ASN B 138 22.12 -20.33 -19.05
N ASP B 139 21.78 -19.21 -19.72
CA ASP B 139 20.69 -19.15 -20.68
C ASP B 139 19.43 -19.75 -20.04
N ILE B 140 19.07 -19.25 -18.85
CA ILE B 140 17.89 -19.67 -18.07
C ILE B 140 16.83 -18.57 -18.18
N ALA B 141 15.57 -18.98 -18.26
CA ALA B 141 14.49 -18.06 -18.47
C ALA B 141 13.95 -17.60 -17.12
N TYR B 142 13.72 -16.29 -16.99
CA TYR B 142 13.19 -15.75 -15.72
C TYR B 142 11.67 -15.54 -15.79
N THR B 143 11.09 -15.54 -17.00
CA THR B 143 9.63 -15.66 -17.13
C THR B 143 9.30 -16.58 -18.30
N GLU B 144 8.08 -17.13 -18.25
CA GLU B 144 7.54 -17.94 -19.31
C GLU B 144 6.03 -17.73 -19.37
N THR B 145 5.48 -17.93 -20.55
CA THR B 145 4.07 -17.79 -20.79
C THR B 145 3.49 -19.16 -21.16
N LYS B 146 2.37 -19.48 -20.50
CA LYS B 146 1.63 -20.73 -20.65
C LYS B 146 0.15 -20.45 -20.94
N PHE B 147 -0.57 -21.48 -21.38
CA PHE B 147 -2.02 -21.39 -21.52
C PHE B 147 -2.67 -21.78 -20.17
N GLU B 148 -3.84 -21.22 -19.87
CA GLU B 148 -4.64 -21.65 -18.70
C GLU B 148 -5.22 -23.04 -19.01
N ARG B 161 -6.73 -18.31 -22.23
CA ARG B 161 -6.03 -17.16 -21.68
C ARG B 161 -4.53 -17.47 -21.53
N GLN B 162 -3.73 -16.42 -21.66
CA GLN B 162 -2.28 -16.45 -21.74
C GLN B 162 -1.70 -15.82 -20.46
N ILE B 163 -0.90 -16.60 -19.73
CA ILE B 163 -0.46 -16.26 -18.38
C ILE B 163 1.07 -16.29 -18.36
N GLU B 164 1.69 -15.11 -18.13
CA GLU B 164 3.11 -14.94 -17.83
C GLU B 164 3.37 -15.35 -16.38
N ARG B 165 4.48 -16.08 -16.14
CA ARG B 165 4.90 -16.37 -14.75
C ARG B 165 6.42 -16.18 -14.54
N VAL B 166 6.77 -15.72 -13.34
CA VAL B 166 8.17 -15.71 -12.90
C VAL B 166 8.63 -17.14 -12.61
N THR B 167 9.80 -17.54 -13.13
CA THR B 167 10.15 -18.97 -13.15
C THR B 167 10.64 -19.42 -11.78
N ARG B 168 10.43 -20.71 -11.53
CA ARG B 168 11.02 -21.42 -10.41
C ARG B 168 12.52 -21.12 -10.39
N GLY B 169 13.03 -20.75 -9.22
CA GLY B 169 14.46 -20.54 -9.06
C GLY B 169 14.83 -19.07 -9.03
N SER B 170 13.96 -18.21 -9.56
CA SER B 170 14.17 -16.78 -9.47
C SER B 170 14.13 -16.36 -8.00
N GLU B 171 15.05 -15.48 -7.61
CA GLU B 171 15.14 -15.00 -6.27
C GLU B 171 15.07 -13.49 -6.24
N PHE B 172 14.38 -12.98 -5.21
CA PHE B 172 14.22 -11.60 -4.98
C PHE B 172 14.74 -11.25 -3.58
N ASP B 173 15.45 -10.13 -3.50
CA ASP B 173 15.92 -9.54 -2.26
C ASP B 173 14.75 -8.84 -1.56
N PHE B 174 14.51 -9.17 -0.29
CA PHE B 174 13.45 -8.47 0.44
C PHE B 174 13.98 -7.80 1.70
N VAL B 175 13.17 -6.83 2.15
CA VAL B 175 13.45 -5.98 3.27
C VAL B 175 12.13 -5.58 3.95
N PHE B 176 12.02 -5.96 5.21
CA PHE B 176 11.05 -5.43 6.12
C PHE B 176 11.79 -4.56 7.15
N ILE B 177 11.17 -3.44 7.51
CA ILE B 177 11.67 -2.60 8.61
C ILE B 177 10.64 -2.61 9.73
N TYR B 178 11.06 -2.98 10.94
CA TYR B 178 10.20 -3.08 12.11
C TYR B 178 10.49 -1.89 13.05
N ASN B 179 9.45 -1.14 13.40
CA ASN B 179 9.54 -0.01 14.33
C ASN B 179 9.23 -0.47 15.75
N VAL B 180 10.15 -0.20 16.67
CA VAL B 180 9.94 -0.50 18.07
C VAL B 180 9.12 0.63 18.71
N ASP B 181 7.79 0.54 18.55
CA ASP B 181 6.82 1.49 19.12
C ASP B 181 6.56 1.17 20.60
N GLU B 182 6.78 -0.09 20.98
CA GLU B 182 6.48 -0.62 22.30
C GLU B 182 7.43 -1.79 22.58
N GLU B 183 8.46 -1.52 23.37
CA GLU B 183 9.58 -2.44 23.60
C GLU B 183 9.10 -3.79 24.14
N SER B 184 8.02 -3.80 24.91
CA SER B 184 7.60 -5.02 25.63
C SER B 184 7.00 -6.06 24.68
N GLN B 185 6.72 -5.67 23.44
CA GLN B 185 5.93 -6.50 22.51
C GLN B 185 6.78 -7.00 21.32
N VAL B 186 8.08 -6.72 21.33
CA VAL B 186 8.95 -7.04 20.19
C VAL B 186 8.96 -8.57 19.97
N GLU B 187 9.28 -9.33 21.04
CA GLU B 187 9.33 -10.78 20.99
C GLU B 187 8.03 -11.34 20.41
N ASP B 188 6.87 -10.94 20.94
CA ASP B 188 5.57 -11.44 20.43
C ASP B 188 5.36 -11.05 18.97
N ASP B 189 5.66 -9.79 18.64
CA ASP B 189 5.55 -9.35 17.24
C ASP B 189 6.46 -10.23 16.36
N PHE B 190 7.63 -10.62 16.86
CA PHE B 190 8.57 -11.34 16.03
C PHE B 190 8.13 -12.80 15.87
N GLU B 191 7.48 -13.37 16.90
CA GLU B 191 6.88 -14.70 16.78
C GLU B 191 5.79 -14.63 15.70
N ASN B 192 5.00 -13.55 15.72
CA ASN B 192 3.86 -13.41 14.81
C ASN B 192 4.33 -13.20 13.37
N ILE B 193 5.46 -12.50 13.19
CA ILE B 193 6.03 -12.27 11.88
C ILE B 193 6.46 -13.63 11.32
N GLU B 194 7.13 -14.42 12.16
CA GLU B 194 7.61 -15.74 11.84
C GLU B 194 6.43 -16.60 11.40
N LYS B 195 5.36 -16.54 12.18
CA LYS B 195 4.18 -17.34 11.91
C LYS B 195 3.61 -16.89 10.55
N ALA B 196 3.47 -15.58 10.36
CA ALA B 196 2.98 -15.06 9.08
C ALA B 196 3.84 -15.63 7.93
N ILE B 197 5.17 -15.66 8.10
CA ILE B 197 6.06 -16.12 7.01
C ILE B 197 5.67 -17.57 6.67
N HIS B 198 5.76 -18.43 7.70
CA HIS B 198 5.50 -19.85 7.58
C HIS B 198 4.15 -20.10 6.92
N LEU B 199 3.12 -19.35 7.33
CA LEU B 199 1.80 -19.49 6.71
C LEU B 199 1.86 -19.14 5.22
N LEU B 200 2.64 -18.12 4.85
CA LEU B 200 2.75 -17.73 3.43
C LEU B 200 3.46 -18.83 2.63
N GLU B 201 4.40 -19.53 3.28
CA GLU B 201 5.17 -20.54 2.62
C GLU B 201 4.36 -21.82 2.41
N ASN B 202 3.39 -22.06 3.28
CA ASN B 202 2.52 -23.23 3.19
C ASN B 202 1.23 -22.83 2.45
N ASP B 203 1.22 -21.61 1.89
CA ASP B 203 0.15 -21.14 1.02
C ASP B 203 0.81 -20.69 -0.29
N TYR B 204 0.49 -19.47 -0.76
CA TYR B 204 0.82 -19.05 -2.12
C TYR B 204 0.64 -17.53 -2.28
N LEU B 205 1.29 -16.98 -3.31
CA LEU B 205 1.25 -15.57 -3.60
C LEU B 205 0.67 -15.36 -5.00
N GLY B 206 -0.07 -14.28 -5.19
CA GLY B 206 -0.75 -13.99 -6.47
C GLY B 206 -1.75 -15.05 -6.87
N GLY B 207 -1.85 -15.25 -8.20
CA GLY B 207 -2.83 -16.14 -8.84
C GLY B 207 -2.36 -17.58 -9.01
N GLY B 208 -3.33 -18.43 -9.34
CA GLY B 208 -3.12 -19.84 -9.66
C GLY B 208 -2.73 -20.68 -8.46
N GLY B 209 -3.09 -20.21 -7.26
CA GLY B 209 -2.69 -20.86 -6.01
C GLY B 209 -3.18 -22.30 -5.93
N THR B 210 -4.46 -22.48 -6.26
CA THR B 210 -5.18 -23.76 -6.08
C THR B 210 -4.67 -24.81 -7.07
N ARG B 211 -4.15 -24.39 -8.24
CA ARG B 211 -3.50 -25.27 -9.22
C ARG B 211 -2.00 -25.45 -8.89
N GLY B 212 -1.55 -24.93 -7.74
CA GLY B 212 -0.22 -25.20 -7.20
C GLY B 212 0.79 -24.12 -7.50
N ASN B 213 0.35 -23.03 -8.15
CA ASN B 213 1.25 -21.95 -8.62
C ASN B 213 1.44 -20.92 -7.50
N GLY B 214 2.51 -20.14 -7.63
CA GLY B 214 2.80 -19.01 -6.76
C GLY B 214 3.39 -19.41 -5.42
N ARG B 215 4.01 -20.59 -5.33
CA ARG B 215 4.66 -21.00 -4.07
C ARG B 215 6.05 -20.32 -4.00
N ILE B 216 6.32 -19.68 -2.87
CA ILE B 216 7.56 -18.97 -2.61
C ILE B 216 8.19 -19.53 -1.34
N GLN B 217 9.50 -19.28 -1.16
CA GLN B 217 10.23 -19.58 0.10
C GLN B 217 11.06 -18.37 0.55
N PHE B 218 11.06 -18.15 1.86
CA PHE B 218 11.94 -17.15 2.46
C PHE B 218 13.23 -17.82 2.96
N LYS B 219 14.38 -17.18 2.80
CA LYS B 219 15.62 -17.75 3.27
C LYS B 219 16.71 -16.69 3.35
N ASP B 220 17.71 -16.97 4.20
CA ASP B 220 18.90 -16.15 4.44
C ASP B 220 18.52 -14.89 5.23
N THR B 221 17.66 -15.07 6.23
CA THR B 221 16.97 -13.98 6.86
C THR B 221 17.92 -13.41 7.90
N ASN B 222 18.24 -12.12 7.78
CA ASN B 222 19.15 -11.46 8.70
C ASN B 222 18.36 -10.37 9.45
N ILE B 223 18.57 -10.30 10.77
CA ILE B 223 17.96 -9.29 11.60
C ILE B 223 19.06 -8.38 12.15
N GLU B 224 18.80 -7.07 12.14
CA GLU B 224 19.79 -6.09 12.54
C GLU B 224 19.08 -4.81 13.00
N THR B 225 19.53 -4.24 14.12
CA THR B 225 19.08 -2.92 14.54
C THR B 225 19.82 -1.86 13.73
N VAL B 226 19.09 -1.19 12.82
CA VAL B 226 19.67 -0.17 11.90
C VAL B 226 19.46 1.26 12.44
N VAL B 227 18.46 1.47 13.31
CA VAL B 227 18.34 2.74 14.06
C VAL B 227 18.10 2.40 15.53
N GLY B 228 18.76 3.14 16.44
CA GLY B 228 18.63 2.94 17.90
C GLY B 228 19.61 1.89 18.39
N GLU B 229 19.54 1.57 19.68
CA GLU B 229 20.48 0.61 20.33
C GLU B 229 19.74 -0.63 20.86
N TYR B 230 18.45 -0.79 20.53
CA TYR B 230 17.72 -2.00 20.93
C TYR B 230 18.48 -3.24 20.50
N ASP B 231 18.60 -4.18 21.44
CA ASP B 231 19.39 -5.37 21.25
C ASP B 231 18.49 -6.43 20.60
N SER B 232 18.73 -6.68 19.31
CA SER B 232 17.96 -7.59 18.48
C SER B 232 18.70 -8.91 18.22
N THR B 233 19.82 -9.17 18.90
CA THR B 233 20.63 -10.38 18.61
C THR B 233 19.86 -11.67 19.00
N ASN B 234 18.90 -11.59 19.93
CA ASN B 234 18.04 -12.75 20.30
C ASN B 234 17.15 -13.20 19.13
N LEU B 235 16.77 -12.25 18.26
CA LEU B 235 15.69 -12.45 17.31
C LEU B 235 16.14 -13.30 16.11
N LYS B 236 15.24 -14.20 15.68
CA LYS B 236 15.45 -15.09 14.55
C LYS B 236 14.12 -15.26 13.81
N ILE B 237 14.18 -15.32 12.48
CA ILE B 237 13.13 -15.94 11.71
C ILE B 237 13.66 -17.30 11.24
N LYS B 238 12.87 -18.35 11.45
CA LYS B 238 13.32 -19.68 11.08
C LYS B 238 12.10 -20.60 10.89
CA CA C . -8.06 15.19 21.12
CA CA D . -9.37 21.93 14.04
SM SM E . -11.19 21.90 -2.57
SM SM F . -1.41 27.27 3.50
SM SM G . 12.39 7.11 -6.67
SM SM H . -2.74 18.75 -10.73
SM SM I . -9.75 23.30 -6.44
SM SM J . 10.05 27.20 7.35
SM SM K . 11.97 -20.82 4.80
SM SM L . 10.15 -19.02 17.18
SM SM M . 4.65 1.79 26.44
SM SM N . 20.66 -19.37 -3.76
SM SM O . -7.33 -4.51 22.62
SM SM P . -12.05 -6.21 9.16
SM SM Q . 17.15 -22.99 -6.08
CA CA R . -1.12 -25.41 1.84
#